data_1YR6
#
_entry.id   1YR6
#
_cell.length_a   60.290
_cell.length_b   60.290
_cell.length_c   117.110
_cell.angle_alpha   90.00
_cell.angle_beta   90.00
_cell.angle_gamma   120.00
#
_symmetry.space_group_name_H-M   'P 32 2 1'
#
loop_
_entity.id
_entity.type
_entity.pdbx_description
1 polymer 'ATP(GTP)binding protein'
2 water water
#
_entity_poly.entity_id   1
_entity_poly.type   'polypeptide(L)'
_entity_poly.pdbx_seq_one_letter_code
;MRGSHHHHHHGMASMIVVFVGTAGSGKTTLTGEFGRYLEDNYKVAYVNLDTGVKELPYEPSIDVREFVTVEEIMREGYGP
NGAIVESYDRLMEKFNEYLNKILRLEKENDYVLIDTPGQMETFLFHEFGVRLMENLPYPLVVYISDPEILKKPNDYCFVR
FFALLIDLRLGATTIPALNKVDLLSEEEKERHRKYFEDIDYLTARLKLDPSMQGLMAYKMCSMMTEVLPPVRVLYLSAKT
REGFEDLETLAYEHYCTCGDLT
;
_entity_poly.pdbx_strand_id   A
#
# COMPACT_ATOMS: atom_id res chain seq x y z
N GLY A 11 7.74 18.09 13.68
CA GLY A 11 7.29 19.11 12.70
C GLY A 11 5.79 19.25 12.72
N MET A 12 5.18 19.39 11.53
CA MET A 12 3.75 19.66 11.44
C MET A 12 3.18 19.70 10.01
N ALA A 13 3.94 19.30 9.00
CA ALA A 13 3.35 19.20 7.67
C ALA A 13 2.13 18.32 7.75
N SER A 14 2.14 17.42 8.74
CA SER A 14 1.03 16.51 9.01
C SER A 14 0.52 15.73 7.78
N MET A 15 1.41 14.92 7.21
CA MET A 15 1.03 13.96 6.19
C MET A 15 1.08 12.52 6.72
N ILE A 16 0.12 11.72 6.29
CA ILE A 16 0.09 10.31 6.64
C ILE A 16 0.18 9.55 5.35
N VAL A 17 1.12 8.61 5.26
CA VAL A 17 1.23 7.77 4.06
C VAL A 17 1.06 6.33 4.47
N VAL A 18 0.09 5.67 3.85
CA VAL A 18 -0.28 4.31 4.21
C VAL A 18 0.23 3.30 3.19
N PHE A 19 1.10 2.38 3.63
CA PHE A 19 1.66 1.39 2.71
C PHE A 19 0.88 0.08 2.77
N VAL A 20 0.37 -0.34 1.61
CA VAL A 20 -0.49 -1.54 1.47
C VAL A 20 0.16 -2.48 0.47
N GLY A 21 0.16 -3.78 0.75
CA GLY A 21 0.80 -4.74 -0.11
C GLY A 21 0.79 -6.10 0.55
N THR A 22 0.85 -7.16 -0.26
CA THR A 22 0.82 -8.54 0.25
C THR A 22 2.18 -8.96 0.76
N ALA A 23 2.17 -9.85 1.74
CA ALA A 23 3.39 -10.36 2.36
C ALA A 23 4.32 -10.97 1.31
N GLY A 24 5.52 -10.40 1.18
CA GLY A 24 6.43 -10.72 0.08
C GLY A 24 6.83 -9.51 -0.75
N SER A 25 5.95 -8.51 -0.84
CA SER A 25 6.18 -7.35 -1.72
C SER A 25 7.27 -6.39 -1.21
N GLY A 26 7.78 -6.63 0.00
CA GLY A 26 8.85 -5.77 0.54
C GLY A 26 8.35 -4.41 1.00
N LYS A 27 7.07 -4.32 1.33
CA LYS A 27 6.42 -3.13 1.88
C LYS A 27 7.07 -2.63 3.19
N THR A 28 7.46 -3.55 4.07
CA THR A 28 8.07 -3.15 5.35
C THR A 28 9.48 -2.56 5.24
N THR A 29 10.31 -3.14 4.39
CA THR A 29 11.63 -2.57 4.07
C THR A 29 11.53 -1.21 3.39
N LEU A 30 10.58 -1.07 2.48
CA LEU A 30 10.31 0.21 1.80
C LEU A 30 9.90 1.32 2.77
N THR A 31 9.03 1.00 3.72
CA THR A 31 8.54 1.95 4.71
C THR A 31 9.71 2.52 5.50
N GLY A 32 10.55 1.64 6.03
CA GLY A 32 11.77 2.08 6.68
C GLY A 32 12.65 2.98 5.82
N GLU A 33 13.02 2.52 4.64
CA GLU A 33 13.95 3.29 3.83
C GLU A 33 13.30 4.58 3.36
N PHE A 34 12.01 4.56 3.02
CA PHE A 34 11.39 5.81 2.63
C PHE A 34 11.41 6.83 3.81
N GLY A 35 11.13 6.35 5.02
CA GLY A 35 11.34 7.12 6.25
C GLY A 35 12.72 7.79 6.32
N ARG A 36 13.77 6.99 6.29
CA ARG A 36 15.14 7.54 6.33
C ARG A 36 15.36 8.62 5.28
N TYR A 37 15.03 8.34 4.04
CA TYR A 37 15.05 9.39 3.03
C TYR A 37 14.38 10.71 3.45
N LEU A 38 13.27 10.62 4.17
CA LEU A 38 12.51 11.81 4.58
C LEU A 38 13.13 12.47 5.80
N GLU A 39 13.81 11.69 6.62
CA GLU A 39 14.27 12.20 7.89
C GLU A 39 15.36 13.26 7.76
N ASP A 40 15.79 13.52 6.52
CA ASP A 40 16.76 14.57 6.25
C ASP A 40 16.10 15.93 6.36
N ASN A 41 14.91 16.04 5.75
CA ASN A 41 14.19 17.30 5.65
C ASN A 41 12.92 17.35 6.52
N TYR A 42 12.55 16.23 7.14
CA TYR A 42 11.30 16.17 7.90
C TYR A 42 11.39 15.38 9.21
N LYS A 43 10.41 15.61 10.09
CA LYS A 43 10.16 14.82 11.29
C LYS A 43 9.14 13.72 10.91
N VAL A 44 9.49 12.49 11.28
CA VAL A 44 8.82 11.31 10.77
C VAL A 44 8.52 10.31 11.90
N ALA A 45 7.31 9.78 11.91
CA ALA A 45 6.87 8.76 12.84
C ALA A 45 6.43 7.49 12.09
N TYR A 46 6.70 6.32 12.65
CA TYR A 46 6.32 5.07 11.99
C TYR A 46 5.26 4.34 12.80
N VAL A 47 4.28 3.80 12.11
CA VAL A 47 3.23 3.03 12.72
C VAL A 47 3.18 1.61 12.14
N ASN A 48 3.33 0.61 13.00
CA ASN A 48 3.14 -0.77 12.59
C ASN A 48 1.79 -1.35 13.01
N LEU A 49 0.93 -1.70 12.03
CA LEU A 49 -0.36 -2.31 12.34
C LEU A 49 -0.38 -3.81 12.09
N ASP A 50 0.78 -4.40 11.85
CA ASP A 50 0.90 -5.85 11.58
C ASP A 50 1.24 -6.74 12.79
N THR A 51 0.32 -7.62 13.16
CA THR A 51 0.51 -8.49 14.33
C THR A 51 1.34 -9.77 14.08
N GLY A 52 1.78 -10.01 12.84
CA GLY A 52 2.50 -11.24 12.53
C GLY A 52 3.79 -11.04 11.77
N VAL A 53 4.26 -9.79 11.71
CA VAL A 53 5.57 -9.49 11.14
C VAL A 53 6.62 -9.82 12.19
N LYS A 54 7.72 -10.43 11.76
CA LYS A 54 8.79 -10.86 12.68
C LYS A 54 9.63 -9.67 13.18
N GLU A 55 10.11 -8.82 12.26
CA GLU A 55 11.07 -7.76 12.60
C GLU A 55 10.79 -6.45 11.87
N LEU A 56 11.12 -5.34 12.51
CA LEU A 56 10.94 -4.02 11.90
C LEU A 56 12.25 -3.28 11.61
N PRO A 57 12.44 -2.78 10.39
CA PRO A 57 13.72 -2.12 10.16
C PRO A 57 13.68 -0.65 10.57
N TYR A 58 12.61 -0.25 11.26
CA TYR A 58 12.47 1.10 11.74
C TYR A 58 12.05 1.04 13.19
N GLU A 59 12.02 2.21 13.83
CA GLU A 59 11.70 2.36 15.26
C GLU A 59 10.27 2.85 15.34
N PRO A 60 9.36 1.99 15.80
CA PRO A 60 7.97 2.36 15.69
C PRO A 60 7.49 3.23 16.84
N SER A 61 6.66 4.23 16.53
CA SER A 61 5.91 4.95 17.55
C SER A 61 4.80 4.07 18.13
N ILE A 62 4.04 3.45 17.23
CA ILE A 62 2.98 2.49 17.58
C ILE A 62 3.35 1.13 17.02
N ASP A 63 3.16 0.08 17.80
CA ASP A 63 3.52 -1.26 17.33
C ASP A 63 2.50 -2.21 17.89
N VAL A 64 1.47 -2.54 17.14
CA VAL A 64 0.36 -3.32 17.70
C VAL A 64 0.83 -4.67 18.30
N ARG A 65 2.08 -5.05 18.04
CA ARG A 65 2.63 -6.29 18.62
C ARG A 65 2.87 -6.16 20.13
N GLU A 66 3.02 -4.92 20.59
CA GLU A 66 2.99 -4.53 22.01
C GLU A 66 1.81 -5.16 22.74
N PHE A 67 0.66 -5.22 22.06
CA PHE A 67 -0.61 -5.59 22.65
C PHE A 67 -1.01 -7.03 22.32
N VAL A 68 -0.60 -7.51 21.15
CA VAL A 68 -1.01 -8.83 20.66
C VAL A 68 -0.17 -9.22 19.46
N THR A 69 0.19 -10.49 19.41
CA THR A 69 0.95 -11.02 18.29
C THR A 69 0.26 -12.27 17.80
N VAL A 70 0.36 -12.57 16.51
CA VAL A 70 -0.23 -13.79 16.00
C VAL A 70 0.41 -14.98 16.73
N GLU A 71 1.72 -14.95 16.89
CA GLU A 71 2.44 -16.06 17.54
C GLU A 71 1.92 -16.43 18.94
N GLU A 72 1.78 -15.44 19.82
CA GLU A 72 1.31 -15.74 21.17
C GLU A 72 -0.09 -16.36 21.18
N ILE A 73 -1.00 -15.86 20.35
CA ILE A 73 -2.36 -16.39 20.40
C ILE A 73 -2.48 -17.75 19.71
N MET A 74 -1.47 -18.15 18.94
CA MET A 74 -1.44 -19.51 18.39
C MET A 74 -1.22 -20.53 19.51
N ARG A 75 -0.59 -20.10 20.59
CA ARG A 75 -0.45 -20.94 21.78
C ARG A 75 -1.81 -21.30 22.38
N GLU A 76 -2.67 -20.32 22.55
CA GLU A 76 -4.02 -20.58 23.01
C GLU A 76 -4.70 -21.67 22.18
N GLY A 77 -4.07 -22.09 21.08
CA GLY A 77 -4.64 -23.18 20.27
C GLY A 77 -5.34 -22.84 18.96
N TYR A 78 -5.26 -21.59 18.52
CA TYR A 78 -5.78 -21.23 17.20
C TYR A 78 -4.79 -21.68 16.15
N GLY A 79 -5.30 -22.01 14.97
CA GLY A 79 -4.44 -22.13 13.80
C GLY A 79 -4.06 -20.73 13.37
N PRO A 80 -3.25 -20.62 12.29
CA PRO A 80 -2.79 -19.27 11.95
C PRO A 80 -3.88 -18.42 11.29
N ASN A 81 -4.72 -19.02 10.43
CA ASN A 81 -5.90 -18.31 9.93
C ASN A 81 -6.65 -17.69 11.10
N GLY A 82 -7.06 -18.52 12.04
CA GLY A 82 -7.82 -18.04 13.18
C GLY A 82 -7.05 -17.05 14.04
N ALA A 83 -5.75 -17.28 14.20
CA ALA A 83 -4.94 -16.47 15.09
C ALA A 83 -4.77 -15.06 14.53
N ILE A 84 -4.70 -14.96 13.20
CA ILE A 84 -4.64 -13.67 12.50
C ILE A 84 -5.93 -12.87 12.64
N VAL A 85 -7.07 -13.49 12.34
CA VAL A 85 -8.35 -12.84 12.51
C VAL A 85 -8.53 -12.45 13.98
N GLU A 86 -8.22 -13.37 14.89
CA GLU A 86 -8.37 -13.12 16.32
C GLU A 86 -7.49 -11.98 16.83
N SER A 87 -6.28 -11.84 16.32
CA SER A 87 -5.40 -10.74 16.74
C SER A 87 -6.03 -9.37 16.41
N TYR A 88 -6.80 -9.28 15.34
CA TYR A 88 -7.41 -8.00 14.97
C TYR A 88 -8.75 -7.77 15.64
N ASP A 89 -9.34 -8.83 16.20
CA ASP A 89 -10.54 -8.70 17.01
C ASP A 89 -10.16 -8.13 18.36
N ARG A 90 -8.99 -8.52 18.86
CA ARG A 90 -8.49 -8.03 20.13
C ARG A 90 -8.00 -6.57 20.05
N LEU A 91 -7.45 -6.18 18.90
CA LEU A 91 -7.03 -4.80 18.64
C LEU A 91 -8.19 -3.80 18.65
N MET A 92 -9.35 -4.21 18.14
CA MET A 92 -10.61 -3.42 18.19
C MET A 92 -10.99 -3.05 19.63
N GLU A 93 -10.57 -3.84 20.59
CA GLU A 93 -10.73 -3.49 22.00
C GLU A 93 -9.99 -2.21 22.31
N LYS A 94 -9.00 -1.86 21.49
CA LYS A 94 -8.24 -0.61 21.67
C LYS A 94 -8.39 0.36 20.50
N PHE A 95 -9.49 0.25 19.76
CA PHE A 95 -9.65 1.01 18.54
C PHE A 95 -9.48 2.52 18.72
N ASN A 96 -10.28 3.09 19.62
CA ASN A 96 -10.25 4.53 19.88
C ASN A 96 -8.88 4.95 20.38
N GLU A 97 -8.30 4.17 21.28
CA GLU A 97 -6.95 4.46 21.73
C GLU A 97 -5.91 4.51 20.58
N TYR A 98 -5.90 3.53 19.68
CA TYR A 98 -4.98 3.59 18.54
C TYR A 98 -5.28 4.74 17.61
N LEU A 99 -6.56 4.99 17.38
CA LEU A 99 -6.95 6.11 16.54
C LEU A 99 -6.43 7.46 17.10
N ASN A 100 -6.73 7.75 18.37
CA ASN A 100 -6.20 9.00 18.98
C ASN A 100 -4.67 9.05 19.01
N LYS A 101 -4.02 7.93 19.32
CA LYS A 101 -2.56 7.80 19.20
C LYS A 101 -2.00 8.20 17.83
N ILE A 102 -2.72 7.87 16.75
CA ILE A 102 -2.23 8.15 15.42
C ILE A 102 -2.54 9.60 15.08
N LEU A 103 -3.73 10.06 15.48
CA LEU A 103 -4.09 11.45 15.27
C LEU A 103 -3.12 12.41 15.93
N ARG A 104 -2.60 12.03 17.09
CA ARG A 104 -1.63 12.82 17.83
C ARG A 104 -0.24 12.79 17.18
N LEU A 105 0.18 11.61 16.71
CA LEU A 105 1.43 11.48 15.96
C LEU A 105 1.41 12.43 14.78
N GLU A 106 0.25 12.52 14.12
CA GLU A 106 0.13 13.38 12.96
C GLU A 106 0.17 14.87 13.31
N LYS A 107 -0.12 15.21 14.56
CA LYS A 107 -0.05 16.61 15.00
C LYS A 107 1.40 16.98 15.28
N GLU A 108 2.16 16.02 15.78
CA GLU A 108 3.55 16.25 16.13
C GLU A 108 4.56 15.83 15.05
N ASN A 109 4.11 15.60 13.82
CA ASN A 109 5.03 15.14 12.79
C ASN A 109 4.72 15.71 11.43
N ASP A 110 5.76 15.72 10.59
CA ASP A 110 5.61 16.02 9.19
C ASP A 110 5.08 14.82 8.42
N TYR A 111 5.57 13.64 8.75
CA TYR A 111 5.10 12.39 8.12
C TYR A 111 4.81 11.35 9.18
N VAL A 112 3.63 10.76 9.06
CA VAL A 112 3.30 9.51 9.74
C VAL A 112 3.17 8.41 8.67
N LEU A 113 4.09 7.48 8.69
CA LEU A 113 4.12 6.39 7.72
C LEU A 113 3.50 5.15 8.36
N ILE A 114 2.46 4.65 7.74
CA ILE A 114 1.73 3.52 8.31
C ILE A 114 1.94 2.25 7.55
N ASP A 115 2.44 1.25 8.29
CA ASP A 115 2.69 -0.08 7.79
C ASP A 115 1.49 -0.96 8.11
N THR A 116 0.85 -1.56 7.11
CA THR A 116 -0.36 -2.32 7.39
C THR A 116 -0.02 -3.80 7.38
N PRO A 117 -0.97 -4.65 7.81
CA PRO A 117 -0.80 -6.09 7.89
C PRO A 117 -0.33 -6.75 6.59
N GLY A 118 0.72 -7.55 6.69
CA GLY A 118 1.21 -8.34 5.58
C GLY A 118 0.14 -9.14 4.89
N GLN A 119 -0.99 -9.36 5.56
CA GLN A 119 -2.16 -9.98 4.91
C GLN A 119 -3.18 -8.89 4.60
N MET A 120 -3.07 -8.31 3.41
CA MET A 120 -3.82 -7.07 3.13
C MET A 120 -5.34 -7.17 3.26
N GLU A 121 -5.88 -8.39 3.20
CA GLU A 121 -7.31 -8.56 3.42
C GLU A 121 -7.67 -8.39 4.90
N THR A 122 -6.72 -8.69 5.78
CA THR A 122 -6.82 -8.32 7.18
C THR A 122 -6.86 -6.81 7.35
N PHE A 123 -6.49 -6.09 6.31
CA PHE A 123 -6.66 -4.65 6.30
C PHE A 123 -7.90 -4.26 5.48
N LEU A 124 -8.17 -4.98 4.41
CA LEU A 124 -9.26 -4.64 3.52
C LEU A 124 -10.61 -5.05 4.07
N PHE A 125 -10.65 -6.13 4.81
CA PHE A 125 -11.93 -6.65 5.23
C PHE A 125 -12.26 -6.37 6.70
N HIS A 126 -11.32 -6.66 7.59
CA HIS A 126 -11.61 -6.55 9.01
C HIS A 126 -11.91 -5.10 9.43
N GLU A 127 -12.83 -4.96 10.39
CA GLU A 127 -13.23 -3.69 11.00
C GLU A 127 -12.10 -2.77 11.31
N PHE A 128 -11.10 -3.27 12.04
CA PHE A 128 -9.99 -2.46 12.55
C PHE A 128 -9.33 -1.58 11.48
N GLY A 129 -9.02 -2.17 10.33
CA GLY A 129 -8.32 -1.47 9.25
C GLY A 129 -9.17 -0.49 8.48
N VAL A 130 -10.40 -0.91 8.19
CA VAL A 130 -11.31 -0.08 7.47
C VAL A 130 -11.80 1.12 8.32
N ARG A 131 -12.00 0.91 9.62
CA ARG A 131 -12.54 1.99 10.42
C ARG A 131 -11.46 3.01 10.77
N LEU A 132 -10.26 2.53 10.97
CA LEU A 132 -9.14 3.38 11.24
C LEU A 132 -8.99 4.34 10.05
N MET A 133 -9.13 3.81 8.84
CA MET A 133 -8.96 4.61 7.62
C MET A 133 -10.09 5.60 7.33
N GLU A 134 -11.32 5.24 7.67
CA GLU A 134 -12.40 6.21 7.54
C GLU A 134 -12.23 7.35 8.53
N ASN A 135 -11.37 7.18 9.52
CA ASN A 135 -11.29 8.15 10.61
C ASN A 135 -10.02 8.99 10.60
N LEU A 136 -9.11 8.71 9.67
CA LEU A 136 -7.90 9.52 9.52
C LEU A 136 -8.14 10.64 8.50
N PRO A 137 -7.47 11.79 8.69
CA PRO A 137 -7.58 12.93 7.78
C PRO A 137 -6.85 12.73 6.44
N TYR A 138 -7.60 12.42 5.39
CA TYR A 138 -7.10 12.46 4.01
C TYR A 138 -5.80 11.72 3.72
N PRO A 139 -5.63 10.52 4.29
CA PRO A 139 -4.34 9.83 4.14
C PRO A 139 -4.14 9.37 2.71
N LEU A 140 -2.88 9.26 2.29
CA LEU A 140 -2.62 8.75 0.93
C LEU A 140 -2.20 7.29 1.04
N VAL A 141 -2.67 6.46 0.11
CA VAL A 141 -2.35 5.05 0.18
C VAL A 141 -1.43 4.69 -0.97
N VAL A 142 -0.36 3.96 -0.66
CA VAL A 142 0.52 3.47 -1.72
C VAL A 142 0.33 1.97 -1.76
N TYR A 143 -0.13 1.48 -2.90
CA TYR A 143 -0.32 0.04 -3.03
C TYR A 143 0.86 -0.60 -3.75
N ILE A 144 1.62 -1.39 -3.00
CA ILE A 144 2.83 -1.98 -3.51
C ILE A 144 2.55 -3.34 -4.19
N SER A 145 3.13 -3.53 -5.38
CA SER A 145 3.02 -4.82 -6.08
C SER A 145 4.42 -5.36 -6.42
N ASP A 146 4.58 -6.66 -6.27
CA ASP A 146 5.79 -7.34 -6.71
C ASP A 146 5.89 -7.30 -8.23
N PRO A 147 7.07 -6.96 -8.76
CA PRO A 147 7.23 -7.07 -10.21
C PRO A 147 6.95 -8.49 -10.75
N GLU A 148 7.33 -9.51 -10.00
CA GLU A 148 7.18 -10.89 -10.47
C GLU A 148 5.72 -11.28 -10.75
N ILE A 149 4.77 -10.56 -10.19
CA ILE A 149 3.37 -10.83 -10.49
C ILE A 149 3.01 -10.38 -11.91
N LEU A 150 3.89 -9.61 -12.52
CA LEU A 150 3.61 -9.00 -13.84
C LEU A 150 4.25 -9.79 -15.01
N LYS A 151 3.47 -10.69 -15.61
CA LYS A 151 3.99 -11.63 -16.59
C LYS A 151 3.16 -11.66 -17.88
N LYS A 152 1.97 -11.06 -17.84
CA LYS A 152 1.02 -11.09 -18.96
C LYS A 152 0.03 -9.92 -18.82
N PRO A 153 -0.45 -9.37 -19.95
CA PRO A 153 -1.19 -8.10 -20.00
C PRO A 153 -2.42 -8.09 -19.12
N ASN A 154 -2.85 -9.28 -18.70
CA ASN A 154 -3.96 -9.41 -17.77
C ASN A 154 -3.51 -8.86 -16.42
N ASP A 155 -2.32 -9.29 -16.02
CA ASP A 155 -1.70 -8.92 -14.75
C ASP A 155 -1.74 -7.41 -14.55
N TYR A 156 -1.60 -6.65 -15.63
CA TYR A 156 -1.48 -5.19 -15.57
C TYR A 156 -2.75 -4.48 -15.20
N CYS A 157 -3.85 -4.85 -15.84
CA CYS A 157 -5.15 -4.30 -15.45
C CYS A 157 -5.63 -4.85 -14.09
N PHE A 158 -5.29 -6.11 -13.82
CA PHE A 158 -5.58 -6.72 -12.52
C PHE A 158 -5.02 -5.84 -11.40
N VAL A 159 -3.69 -5.78 -11.33
CA VAL A 159 -2.98 -4.90 -10.40
C VAL A 159 -3.56 -3.48 -10.37
N ARG A 160 -3.78 -2.89 -11.54
CA ARG A 160 -4.39 -1.56 -11.63
C ARG A 160 -5.81 -1.50 -11.09
N PHE A 161 -6.60 -2.54 -11.33
CA PHE A 161 -7.97 -2.56 -10.81
C PHE A 161 -8.00 -2.74 -9.28
N PHE A 162 -7.13 -3.61 -8.78
CA PHE A 162 -7.07 -3.84 -7.33
C PHE A 162 -6.84 -2.54 -6.57
N ALA A 163 -5.89 -1.73 -7.05
CA ALA A 163 -5.64 -0.39 -6.52
C ALA A 163 -6.89 0.47 -6.47
N LEU A 164 -7.73 0.36 -7.49
CA LEU A 164 -9.03 1.03 -7.49
C LEU A 164 -9.95 0.52 -6.36
N LEU A 165 -9.90 -0.79 -6.09
CA LEU A 165 -10.74 -1.38 -5.06
C LEU A 165 -10.35 -0.93 -3.66
N ILE A 166 -9.05 -0.86 -3.39
CA ILE A 166 -8.56 -0.38 -2.11
C ILE A 166 -9.08 1.03 -1.91
N ASP A 167 -9.07 1.78 -2.99
CA ASP A 167 -9.52 3.16 -2.94
C ASP A 167 -10.95 3.26 -2.39
N LEU A 168 -11.88 2.46 -2.91
CA LEU A 168 -13.22 2.37 -2.29
C LEU A 168 -13.13 1.95 -0.83
N ARG A 169 -12.64 0.74 -0.60
CA ARG A 169 -12.77 0.13 0.71
C ARG A 169 -12.27 1.03 1.82
N LEU A 170 -11.21 1.78 1.56
CA LEU A 170 -10.65 2.67 2.57
C LEU A 170 -11.07 4.11 2.26
N GLY A 171 -11.54 4.35 1.04
CA GLY A 171 -11.98 5.69 0.68
C GLY A 171 -10.83 6.65 0.90
N ALA A 172 -9.78 6.42 0.14
CA ALA A 172 -8.61 7.28 0.22
C ALA A 172 -7.89 7.05 -1.07
N THR A 173 -7.31 8.11 -1.61
CA THR A 173 -6.63 8.00 -2.89
C THR A 173 -5.47 6.99 -2.81
N THR A 174 -5.38 6.15 -3.82
CA THR A 174 -4.51 5.00 -3.79
C THR A 174 -3.62 4.99 -5.02
N ILE A 175 -2.31 5.07 -4.78
CA ILE A 175 -1.31 5.09 -5.84
C ILE A 175 -0.68 3.71 -6.03
N PRO A 176 -0.84 3.13 -7.24
CA PRO A 176 -0.20 1.87 -7.61
C PRO A 176 1.31 2.00 -7.77
N ALA A 177 2.05 1.09 -7.20
CA ALA A 177 3.49 1.13 -7.31
C ALA A 177 4.06 -0.26 -7.51
N LEU A 178 5.23 -0.32 -8.15
CA LEU A 178 5.99 -1.55 -8.20
C LEU A 178 7.20 -1.34 -7.31
N ASN A 179 7.43 -2.28 -6.42
CA ASN A 179 8.55 -2.21 -5.50
C ASN A 179 9.67 -3.00 -6.15
N LYS A 180 10.83 -3.01 -5.49
CA LYS A 180 11.96 -3.83 -5.89
C LYS A 180 12.37 -3.69 -7.36
N VAL A 181 12.14 -2.52 -7.94
CA VAL A 181 12.55 -2.25 -9.33
C VAL A 181 14.05 -2.41 -9.63
N ASP A 182 14.89 -2.37 -8.61
CA ASP A 182 16.30 -2.62 -8.81
C ASP A 182 16.62 -4.07 -9.25
N LEU A 183 15.61 -4.94 -9.27
CA LEU A 183 15.80 -6.33 -9.62
C LEU A 183 15.38 -6.55 -11.06
N LEU A 184 15.02 -5.46 -11.74
CA LEU A 184 14.57 -5.56 -13.12
C LEU A 184 15.76 -5.38 -14.08
N SER A 185 15.76 -6.16 -15.16
CA SER A 185 16.92 -6.25 -16.03
C SER A 185 17.02 -5.08 -17.02
N GLU A 186 15.97 -4.27 -17.06
CA GLU A 186 15.88 -3.13 -17.97
C GLU A 186 15.12 -3.48 -19.23
N GLU A 187 15.36 -4.68 -19.77
CA GLU A 187 14.41 -5.27 -20.69
C GLU A 187 13.09 -5.27 -19.92
N GLU A 188 13.11 -5.91 -18.75
CA GLU A 188 11.95 -6.00 -17.87
C GLU A 188 11.38 -4.63 -17.53
N LYS A 189 12.27 -3.72 -17.16
CA LYS A 189 11.87 -2.35 -16.87
C LYS A 189 11.10 -1.73 -18.04
N GLU A 190 11.66 -1.87 -19.24
CA GLU A 190 11.06 -1.33 -20.44
C GLU A 190 9.67 -1.94 -20.68
N ARG A 191 9.58 -3.27 -20.56
CA ARG A 191 8.31 -3.96 -20.78
C ARG A 191 7.18 -3.54 -19.83
N HIS A 192 7.49 -3.31 -18.54
CA HIS A 192 6.44 -2.91 -17.58
C HIS A 192 5.97 -1.49 -17.81
N ARG A 193 6.91 -0.63 -18.15
CA ARG A 193 6.60 0.76 -18.43
C ARG A 193 5.62 0.87 -19.60
N LYS A 194 5.82 0.04 -20.62
CA LYS A 194 4.98 0.08 -21.82
C LYS A 194 3.50 0.04 -21.46
N TYR A 195 3.10 -1.08 -20.86
CA TYR A 195 1.69 -1.30 -20.52
C TYR A 195 1.09 -0.21 -19.62
N PHE A 196 1.83 0.17 -18.59
CA PHE A 196 1.32 1.11 -17.59
C PHE A 196 1.04 2.52 -18.11
N GLU A 197 2.07 3.20 -18.60
CA GLU A 197 1.96 4.59 -19.02
C GLU A 197 1.06 4.77 -20.24
N ASP A 198 1.27 3.95 -21.26
CA ASP A 198 0.56 4.11 -22.52
C ASP A 198 -0.94 3.74 -22.44
N ILE A 199 -1.80 4.75 -22.43
CA ILE A 199 -3.25 4.53 -22.64
C ILE A 199 -3.46 4.15 -24.09
N ASP A 200 -4.21 3.09 -24.33
CA ASP A 200 -4.12 2.38 -25.60
C ASP A 200 -2.76 1.71 -25.56
N TYR A 201 -2.56 0.68 -26.36
CA TYR A 201 -1.35 -0.14 -26.26
C TYR A 201 -1.65 -1.24 -25.28
N LEU A 202 -2.13 -0.85 -24.10
CA LEU A 202 -2.60 -1.80 -23.09
C LEU A 202 -3.84 -2.52 -23.63
N THR A 203 -4.85 -1.74 -24.00
CA THR A 203 -6.05 -2.29 -24.62
C THR A 203 -5.72 -2.94 -25.97
N ALA A 204 -4.76 -2.36 -26.69
CA ALA A 204 -4.32 -2.92 -27.97
C ALA A 204 -3.84 -4.35 -27.79
N ARG A 205 -2.95 -4.56 -26.80
CA ARG A 205 -2.48 -5.90 -26.47
C ARG A 205 -3.58 -6.74 -25.84
N LEU A 206 -4.62 -6.05 -25.35
CA LEU A 206 -5.82 -6.72 -24.88
C LEU A 206 -6.81 -6.80 -26.04
N LYS A 207 -6.42 -7.49 -27.10
CA LYS A 207 -7.30 -7.73 -28.24
C LYS A 207 -6.95 -9.06 -28.91
N LEU A 208 -5.71 -9.50 -28.73
CA LEU A 208 -5.21 -10.69 -29.41
C LEU A 208 -5.58 -12.01 -28.71
N ASP A 209 -6.17 -11.92 -27.52
CA ASP A 209 -6.59 -13.12 -26.81
C ASP A 209 -8.00 -13.55 -27.21
N PRO A 210 -8.12 -14.75 -27.79
CA PRO A 210 -9.38 -15.27 -28.31
C PRO A 210 -10.16 -16.04 -27.25
N SER A 211 -10.27 -15.47 -26.06
CA SER A 211 -10.96 -16.13 -24.96
C SER A 211 -11.97 -15.19 -24.28
N MET A 212 -13.18 -15.70 -24.08
CA MET A 212 -14.24 -14.91 -23.45
C MET A 212 -13.74 -14.31 -22.14
N GLN A 213 -13.25 -15.17 -21.25
CA GLN A 213 -12.63 -14.70 -20.02
C GLN A 213 -11.44 -13.82 -20.38
N GLY A 214 -11.06 -13.87 -21.65
CA GLY A 214 -10.00 -13.02 -22.19
C GLY A 214 -10.60 -11.79 -22.84
N LEU A 215 -11.66 -12.00 -23.62
CA LEU A 215 -12.43 -10.89 -24.17
C LEU A 215 -13.22 -10.25 -23.03
N MET A 216 -13.49 -11.05 -22.01
CA MET A 216 -14.07 -10.54 -20.77
C MET A 216 -13.08 -9.57 -20.14
N ALA A 217 -11.81 -9.96 -20.12
CA ALA A 217 -10.75 -9.13 -19.56
C ALA A 217 -10.51 -7.87 -20.39
N TYR A 218 -10.84 -7.94 -21.68
CA TYR A 218 -10.71 -6.80 -22.58
C TYR A 218 -11.80 -5.78 -22.27
N LYS A 219 -13.00 -6.28 -21.95
CA LYS A 219 -14.11 -5.43 -21.55
C LYS A 219 -13.76 -4.57 -20.36
N MET A 220 -13.12 -5.17 -19.35
CA MET A 220 -12.77 -4.48 -18.12
C MET A 220 -11.86 -3.27 -18.33
N CYS A 221 -10.98 -3.34 -19.33
CA CYS A 221 -10.23 -2.16 -19.74
C CYS A 221 -11.26 -1.08 -20.10
N SER A 222 -11.75 -0.40 -19.06
CA SER A 222 -12.87 0.52 -19.19
C SER A 222 -12.42 1.94 -18.91
N MET A 223 -11.99 2.17 -17.67
CA MET A 223 -11.64 3.51 -17.20
C MET A 223 -11.16 4.41 -18.32
N MET A 224 -11.96 5.43 -18.62
CA MET A 224 -11.70 6.34 -19.74
C MET A 224 -10.99 7.61 -19.29
N THR A 225 -11.42 8.74 -19.85
CA THR A 225 -10.76 10.03 -19.61
C THR A 225 -11.56 10.94 -18.67
N GLU A 226 -10.87 11.84 -18.00
CA GLU A 226 -11.50 12.77 -17.07
C GLU A 226 -12.72 12.18 -16.37
N VAL A 227 -13.17 12.83 -15.29
CA VAL A 227 -14.23 12.29 -14.46
C VAL A 227 -13.76 11.00 -13.83
N LEU A 228 -13.16 10.13 -14.64
CA LEU A 228 -12.55 8.89 -14.19
C LEU A 228 -11.07 8.91 -14.57
N PRO A 229 -10.25 9.65 -13.80
CA PRO A 229 -8.88 9.99 -14.20
C PRO A 229 -7.86 8.92 -13.82
N PRO A 230 -7.27 8.25 -14.81
CA PRO A 230 -6.24 7.27 -14.54
C PRO A 230 -5.09 7.91 -13.76
N VAL A 231 -4.37 7.11 -12.98
CA VAL A 231 -3.35 7.64 -12.12
C VAL A 231 -1.96 7.27 -12.61
N ARG A 232 -0.96 7.95 -12.06
CA ARG A 232 0.43 7.71 -12.39
C ARG A 232 1.00 6.63 -11.46
N VAL A 233 1.56 5.57 -12.05
CA VAL A 233 2.17 4.47 -11.32
C VAL A 233 3.59 4.83 -10.91
N LEU A 234 3.97 4.53 -9.66
CA LEU A 234 5.32 4.74 -9.16
C LEU A 234 6.20 3.50 -9.31
N TYR A 235 7.49 3.71 -9.56
CA TYR A 235 8.45 2.63 -9.55
C TYR A 235 9.41 2.94 -8.38
N LEU A 236 9.45 2.04 -7.40
CA LEU A 236 10.18 2.28 -6.16
C LEU A 236 11.26 1.25 -5.87
N SER A 237 12.35 1.68 -5.25
CA SER A 237 13.35 0.75 -4.76
C SER A 237 13.95 1.19 -3.44
N ALA A 238 13.73 0.44 -2.38
CA ALA A 238 14.47 0.67 -1.14
C ALA A 238 15.98 0.63 -1.32
N LYS A 239 16.45 -0.23 -2.22
CA LYS A 239 17.90 -0.43 -2.43
C LYS A 239 18.57 0.82 -2.99
N THR A 240 18.00 1.39 -4.05
CA THR A 240 18.64 2.54 -4.71
C THR A 240 17.96 3.88 -4.42
N ARG A 241 16.88 3.86 -3.63
CA ARG A 241 15.99 5.01 -3.43
C ARG A 241 15.35 5.55 -4.72
N GLU A 242 15.23 4.69 -5.74
CA GLU A 242 14.49 5.10 -6.91
C GLU A 242 13.02 5.47 -6.62
N GLY A 243 12.54 6.56 -7.20
CA GLY A 243 11.13 6.93 -7.11
C GLY A 243 10.64 7.54 -5.81
N PHE A 244 11.54 7.72 -4.85
CA PHE A 244 11.23 8.32 -3.54
C PHE A 244 10.84 9.80 -3.66
N GLU A 245 11.56 10.54 -4.50
CA GLU A 245 11.25 11.94 -4.76
C GLU A 245 9.90 12.04 -5.43
N ASP A 246 9.59 11.17 -6.38
CA ASP A 246 8.25 11.13 -6.95
C ASP A 246 7.17 11.01 -5.90
N LEU A 247 7.37 10.10 -4.96
CA LEU A 247 6.36 9.78 -3.96
C LEU A 247 6.18 10.95 -3.00
N GLU A 248 7.30 11.54 -2.58
CA GLU A 248 7.28 12.74 -1.75
C GLU A 248 6.49 13.84 -2.46
N THR A 249 6.78 14.03 -3.74
CA THR A 249 6.02 14.98 -4.57
C THR A 249 4.53 14.63 -4.59
N LEU A 250 4.22 13.37 -4.88
CA LEU A 250 2.84 12.90 -4.85
C LEU A 250 2.16 13.20 -3.53
N ALA A 251 2.90 13.07 -2.44
CA ALA A 251 2.39 13.31 -1.10
C ALA A 251 2.08 14.80 -0.85
N TYR A 252 2.77 15.68 -1.58
CA TYR A 252 2.53 17.12 -1.48
C TYR A 252 1.39 17.51 -2.42
N GLU A 253 1.45 17.04 -3.66
CA GLU A 253 0.38 17.33 -4.61
C GLU A 253 -0.98 16.84 -4.11
N HIS A 254 -0.98 15.83 -3.23
CA HIS A 254 -2.24 15.28 -2.71
C HIS A 254 -2.78 16.08 -1.55
N TYR A 255 -1.95 16.35 -0.56
CA TYR A 255 -2.42 17.10 0.60
C TYR A 255 -2.78 18.54 0.25
N CYS A 256 -2.47 18.94 -0.98
CA CYS A 256 -2.79 20.27 -1.44
C CYS A 256 -4.12 20.26 -2.16
N THR A 257 -4.09 19.85 -3.43
CA THR A 257 -5.28 19.71 -4.26
C THR A 257 -6.44 19.04 -3.50
N CYS A 258 -6.29 17.76 -3.22
CA CYS A 258 -7.29 17.07 -2.40
C CYS A 258 -7.44 17.76 -1.05
#